data_1S8D
#
_entry.id   1S8D
#
_cell.length_a   55.920
_cell.length_b   80.300
_cell.length_c   57.800
_cell.angle_alpha   90.00
_cell.angle_beta   116.29
_cell.angle_gamma   90.00
#
_symmetry.space_group_name_H-M   'P 1 21 1'
#
loop_
_entity.id
_entity.type
_entity.pdbx_description
1 polymer 'HLA class I histocompatibility antigen, A-2 alpha chain'
2 polymer Beta-2-microglobulin
3 polymer 'gag peptide'
4 water water
#
loop_
_entity_poly.entity_id
_entity_poly.type
_entity_poly.pdbx_seq_one_letter_code
_entity_poly.pdbx_strand_id
1 'polypeptide(L)'
;GSHSMRYFFTSVSRPGRGEPRFIAVGYVDDTQFVRFDSDAASQRMEPRAPWIEQEGPEYWDGETRKVKAHSQTHRVDLGT
LRGYYNQSEAGSHTVQRMYGCDVGSDWRFLRGYHQYAYDGKDYIALKEDLRSWTAADMAAQTTKHKWEAAHVAEQLRAYL
EGTCVEWLRRYLENGKETLQRTDAPKTHMTHHAVSDHEATLRCWALSFYPAEITLTWQRDGEDQTQDTELVETRPAGDGT
FQKWAAVVVPSGQEQRYTCHVQHEGLPKPLTLRWE
;
A
2 'polypeptide(L)'
;IQRTPKIQVYSRHPAENGKSNFLNCYVSGFHPSDIEVDLLKNGERIEKVEHSDLSFSKDWSFYLLYYTEFTPTEKDEYAC
RVNHVTLSQPKIVKWDRDM
;
B
3 'polypeptide(L)' SLANTVATL C
#
# COMPACT_ATOMS: atom_id res chain seq x y z
N GLY A 1 -14.02 6.84 15.02
CA GLY A 1 -13.43 5.46 15.04
C GLY A 1 -11.94 5.49 15.30
N SER A 2 -11.30 4.33 15.20
CA SER A 2 -9.86 4.23 15.41
C SER A 2 -9.08 4.87 14.26
N HIS A 3 -7.86 5.30 14.54
CA HIS A 3 -7.00 5.93 13.53
C HIS A 3 -5.56 5.52 13.75
N SER A 4 -4.75 5.67 12.72
CA SER A 4 -3.33 5.33 12.86
C SER A 4 -2.43 6.23 12.04
N MET A 5 -1.15 6.24 12.44
CA MET A 5 -0.11 6.97 11.74
C MET A 5 1.03 5.97 11.57
N ARG A 6 1.56 5.88 10.36
CA ARG A 6 2.64 4.93 10.07
C ARG A 6 3.68 5.53 9.12
N TYR A 7 4.92 5.08 9.29
CA TYR A 7 6.04 5.49 8.45
C TYR A 7 6.67 4.21 7.90
N PHE A 8 6.91 4.21 6.60
CA PHE A 8 7.49 3.07 5.91
C PHE A 8 8.82 3.51 5.31
N PHE A 9 9.85 2.67 5.48
CA PHE A 9 11.18 2.98 4.97
C PHE A 9 11.75 1.78 4.22
N THR A 10 12.34 2.07 3.07
CA THR A 10 12.96 1.06 2.22
C THR A 10 14.33 1.58 1.73
N SER A 11 15.38 0.74 1.87
CA SER A 11 16.73 1.05 1.41
C SER A 11 17.29 -0.13 0.63
N VAL A 12 17.71 0.12 -0.61
CA VAL A 12 18.26 -0.90 -1.48
C VAL A 12 19.72 -0.57 -1.83
N SER A 13 20.62 -1.48 -1.50
CA SER A 13 22.05 -1.27 -1.78
C SER A 13 22.31 -1.38 -3.28
N ARG A 14 23.31 -0.64 -3.76
CA ARG A 14 23.66 -0.67 -5.18
C ARG A 14 25.17 -0.93 -5.26
N PRO A 15 25.59 -2.19 -5.13
CA PRO A 15 27.02 -2.54 -5.18
C PRO A 15 27.83 -1.97 -6.36
N GLY A 16 27.22 -1.89 -7.52
CA GLY A 16 27.93 -1.37 -8.69
C GLY A 16 28.50 0.03 -8.51
N ARG A 17 27.75 0.92 -7.86
CA ARG A 17 28.23 2.27 -7.63
C ARG A 17 27.33 3.11 -6.75
N GLY A 18 27.93 3.86 -5.83
CA GLY A 18 27.15 4.75 -4.98
C GLY A 18 26.47 4.20 -3.76
N GLU A 19 25.60 5.01 -3.16
CA GLU A 19 24.92 4.58 -1.97
C GLU A 19 23.54 4.01 -2.22
N PRO A 20 22.99 3.35 -1.21
CA PRO A 20 21.66 2.75 -1.34
C PRO A 20 20.60 3.75 -1.79
N ARG A 21 19.57 3.23 -2.42
CA ARG A 21 18.42 4.01 -2.83
C ARG A 21 17.52 3.96 -1.57
N PHE A 22 17.09 5.13 -1.09
CA PHE A 22 16.27 5.24 0.12
C PHE A 22 14.96 5.99 -0.14
N ILE A 23 13.85 5.38 0.26
CA ILE A 23 12.54 5.99 0.10
C ILE A 23 11.72 5.86 1.36
N ALA A 24 11.12 6.97 1.78
CA ALA A 24 10.29 6.96 2.99
C ALA A 24 8.96 7.62 2.71
N VAL A 25 7.89 7.05 3.27
CA VAL A 25 6.55 7.58 3.11
C VAL A 25 5.84 7.57 4.44
N GLY A 26 4.96 8.57 4.64
CA GLY A 26 4.20 8.67 5.87
C GLY A 26 2.73 8.60 5.54
N TYR A 27 1.95 7.94 6.39
CA TYR A 27 0.52 7.80 6.19
C TYR A 27 -0.27 8.07 7.46
N VAL A 28 -1.50 8.58 7.28
CA VAL A 28 -2.44 8.72 8.40
C VAL A 28 -3.59 7.85 7.83
N ASP A 29 -3.94 6.81 8.57
CA ASP A 29 -4.94 5.86 8.12
C ASP A 29 -4.57 5.41 6.72
N ASP A 30 -5.43 5.62 5.73
CA ASP A 30 -5.09 5.20 4.37
C ASP A 30 -4.70 6.39 3.48
N THR A 31 -4.29 7.49 4.10
CA THR A 31 -3.90 8.69 3.36
C THR A 31 -2.39 9.02 3.48
N GLN A 32 -1.66 9.03 2.37
CA GLN A 32 -0.23 9.36 2.41
C GLN A 32 -0.10 10.87 2.56
N PHE A 33 0.78 11.35 3.46
CA PHE A 33 0.96 12.79 3.61
C PHE A 33 2.36 13.34 3.42
N VAL A 34 3.39 12.48 3.43
CA VAL A 34 4.76 12.91 3.19
C VAL A 34 5.57 11.84 2.50
N ARG A 35 6.72 12.23 1.99
CA ARG A 35 7.61 11.32 1.32
C ARG A 35 9.01 11.91 1.22
N PHE A 36 9.98 11.03 0.99
CA PHE A 36 11.39 11.39 0.81
C PHE A 36 11.98 10.34 -0.11
N ASP A 37 12.61 10.79 -1.18
CA ASP A 37 13.25 9.88 -2.14
C ASP A 37 14.66 10.41 -2.39
N SER A 38 15.65 9.65 -1.96
CA SER A 38 17.05 10.01 -2.11
C SER A 38 17.39 10.28 -3.58
N ASP A 39 16.54 9.79 -4.49
CA ASP A 39 16.75 9.97 -5.92
C ASP A 39 16.18 11.29 -6.42
N ALA A 40 15.39 11.98 -5.59
CA ALA A 40 14.78 13.25 -6.01
C ALA A 40 15.73 14.43 -5.81
N ALA A 41 15.40 15.53 -6.50
CA ALA A 41 16.21 16.74 -6.49
C ALA A 41 16.18 17.57 -5.22
N SER A 42 15.06 17.57 -4.52
CA SER A 42 14.93 18.40 -3.34
C SER A 42 15.79 17.97 -2.14
N GLN A 43 15.97 16.67 -1.98
CA GLN A 43 16.71 16.17 -0.84
C GLN A 43 16.01 16.66 0.43
N ARG A 44 14.68 16.73 0.39
CA ARG A 44 13.90 17.18 1.54
C ARG A 44 12.63 16.37 1.71
N MET A 45 12.13 16.31 2.94
CA MET A 45 10.87 15.63 3.17
C MET A 45 9.87 16.51 2.42
N GLU A 46 8.96 15.90 1.65
CA GLU A 46 7.97 16.62 0.85
C GLU A 46 6.54 16.26 1.22
N PRO A 47 5.60 17.22 1.08
CA PRO A 47 4.16 17.06 1.38
C PRO A 47 3.45 16.29 0.29
N ARG A 48 2.46 15.49 0.65
CA ARG A 48 1.71 14.75 -0.34
C ARG A 48 0.21 14.88 -0.07
N ALA A 49 -0.15 15.69 0.90
CA ALA A 49 -1.55 15.95 1.19
C ALA A 49 -1.63 17.44 1.52
N PRO A 50 -2.73 18.10 1.12
CA PRO A 50 -2.94 19.54 1.38
C PRO A 50 -2.89 19.97 2.83
N TRP A 51 -3.50 19.19 3.71
CA TRP A 51 -3.53 19.53 5.11
C TRP A 51 -2.17 19.49 5.82
N ILE A 52 -1.13 18.95 5.20
CA ILE A 52 0.17 18.95 5.90
C ILE A 52 0.95 20.20 5.47
N GLU A 53 0.49 20.84 4.40
CA GLU A 53 1.17 22.04 3.94
C GLU A 53 1.00 23.22 4.88
N GLN A 54 0.19 23.05 5.92
CA GLN A 54 -0.03 24.11 6.91
C GLN A 54 1.20 24.25 7.82
N GLU A 55 1.94 23.17 7.96
CA GLU A 55 3.12 23.18 8.82
C GLU A 55 4.17 24.20 8.35
N GLY A 56 4.80 24.88 9.32
CA GLY A 56 5.79 25.88 8.99
C GLY A 56 7.17 25.33 8.63
N PRO A 57 8.11 26.21 8.30
CA PRO A 57 9.49 25.86 7.92
C PRO A 57 10.18 24.93 8.92
N GLU A 58 10.04 25.24 10.20
CA GLU A 58 10.66 24.44 11.25
C GLU A 58 10.24 22.97 11.16
N TYR A 59 8.99 22.74 10.75
CA TYR A 59 8.50 21.37 10.64
C TYR A 59 9.31 20.63 9.56
N TRP A 60 9.30 21.17 8.34
CA TRP A 60 10.00 20.56 7.23
C TRP A 60 11.50 20.42 7.44
N ASP A 61 12.09 21.37 8.16
CA ASP A 61 13.53 21.32 8.44
C ASP A 61 13.82 20.17 9.38
N GLY A 62 13.02 20.04 10.43
CA GLY A 62 13.23 18.96 11.38
C GLY A 62 12.98 17.58 10.75
N GLU A 63 11.91 17.46 9.96
CA GLU A 63 11.56 16.19 9.34
C GLU A 63 12.61 15.77 8.30
N THR A 64 13.12 16.75 7.57
CA THR A 64 14.15 16.48 6.57
C THR A 64 15.40 15.96 7.27
N ARG A 65 15.85 16.70 8.28
CA ARG A 65 17.03 16.32 9.07
C ARG A 65 16.89 14.90 9.62
N LYS A 66 15.73 14.62 10.23
CA LYS A 66 15.50 13.30 10.79
C LYS A 66 15.44 12.17 9.74
N VAL A 67 14.78 12.41 8.60
CA VAL A 67 14.67 11.36 7.60
C VAL A 67 16.04 11.06 7.00
N LYS A 68 16.92 12.07 6.94
CA LYS A 68 18.26 11.85 6.41
C LYS A 68 19.02 10.97 7.41
N ALA A 69 18.85 11.26 8.70
CA ALA A 69 19.49 10.44 9.72
C ALA A 69 18.98 9.01 9.59
N HIS A 70 17.70 8.85 9.25
CA HIS A 70 17.16 7.52 9.07
C HIS A 70 17.90 6.86 7.93
N SER A 71 18.04 7.59 6.83
CA SER A 71 18.74 7.06 5.67
C SER A 71 20.11 6.49 5.98
N GLN A 72 20.92 7.24 6.73
CA GLN A 72 22.27 6.78 7.04
C GLN A 72 22.27 5.50 7.88
N THR A 73 21.38 5.44 8.85
CA THR A 73 21.29 4.26 9.70
C THR A 73 21.03 3.04 8.82
N HIS A 74 20.12 3.19 7.86
CA HIS A 74 19.83 2.09 6.96
C HIS A 74 21.05 1.70 6.13
N ARG A 75 21.84 2.70 5.71
CA ARG A 75 23.05 2.44 4.92
C ARG A 75 24.02 1.62 5.75
N VAL A 76 24.20 2.00 7.01
CA VAL A 76 25.08 1.25 7.91
C VAL A 76 24.53 -0.16 8.11
N ASP A 77 23.21 -0.26 8.37
CA ASP A 77 22.60 -1.58 8.58
C ASP A 77 22.84 -2.54 7.42
N LEU A 78 22.71 -2.05 6.20
CA LEU A 78 22.94 -2.92 5.04
C LEU A 78 24.34 -3.54 5.13
N GLY A 79 25.32 -2.72 5.52
CA GLY A 79 26.68 -3.22 5.66
C GLY A 79 26.77 -4.22 6.80
N THR A 80 26.26 -3.83 7.96
CA THR A 80 26.26 -4.71 9.13
C THR A 80 25.62 -6.07 8.85
N LEU A 81 24.48 -6.05 8.18
CA LEU A 81 23.75 -7.27 7.84
C LEU A 81 24.47 -8.15 6.81
N ARG A 82 25.19 -7.51 5.90
CA ARG A 82 25.93 -8.25 4.87
C ARG A 82 26.95 -9.13 5.60
N GLY A 83 27.53 -8.57 6.66
CA GLY A 83 28.52 -9.28 7.46
C GLY A 83 27.88 -10.37 8.31
N TYR A 84 26.78 -10.05 8.99
CA TYR A 84 26.10 -11.03 9.84
C TYR A 84 25.75 -12.30 9.06
N TYR A 85 25.24 -12.12 7.85
CA TYR A 85 24.85 -13.24 7.01
C TYR A 85 25.99 -13.78 6.13
N ASN A 86 27.17 -13.18 6.24
CA ASN A 86 28.33 -13.60 5.48
C ASN A 86 27.97 -13.65 4.00
N GLN A 87 27.52 -12.52 3.46
CA GLN A 87 27.13 -12.46 2.06
C GLN A 87 28.14 -11.68 1.24
N SER A 88 28.13 -11.93 -0.05
CA SER A 88 29.04 -11.24 -0.96
C SER A 88 28.74 -9.76 -1.00
N GLU A 89 29.73 -8.98 -1.39
CA GLU A 89 29.57 -7.55 -1.49
C GLU A 89 29.07 -7.18 -2.88
N ALA A 90 28.95 -8.18 -3.74
CA ALA A 90 28.50 -7.94 -5.12
C ALA A 90 26.99 -7.95 -5.36
N GLY A 91 26.22 -8.48 -4.42
CA GLY A 91 24.77 -8.51 -4.61
C GLY A 91 24.04 -7.36 -3.92
N SER A 92 22.86 -7.02 -4.42
CA SER A 92 22.04 -5.96 -3.87
C SER A 92 21.10 -6.56 -2.82
N HIS A 93 20.91 -5.84 -1.71
CA HIS A 93 20.04 -6.31 -0.64
C HIS A 93 19.07 -5.22 -0.16
N THR A 94 18.04 -5.62 0.59
CA THR A 94 17.02 -4.69 1.05
C THR A 94 16.75 -4.73 2.54
N VAL A 95 16.62 -3.55 3.14
CA VAL A 95 16.24 -3.45 4.53
C VAL A 95 14.96 -2.61 4.51
N GLN A 96 14.00 -2.99 5.34
CA GLN A 96 12.74 -2.27 5.46
C GLN A 96 12.43 -2.11 6.93
N ARG A 97 11.77 -1.00 7.24
CA ARG A 97 11.37 -0.68 8.61
C ARG A 97 9.99 -0.02 8.56
N MET A 98 9.19 -0.30 9.59
CA MET A 98 7.85 0.29 9.66
C MET A 98 7.54 0.54 11.11
N TYR A 99 6.97 1.70 11.40
CA TYR A 99 6.62 2.00 12.76
C TYR A 99 5.48 2.98 12.83
N GLY A 100 4.81 3.01 13.97
CA GLY A 100 3.68 3.89 14.10
C GLY A 100 2.88 3.61 15.34
N CYS A 101 1.76 4.32 15.45
CA CYS A 101 0.88 4.22 16.58
C CYS A 101 -0.58 4.27 16.13
N ASP A 102 -1.46 3.73 16.97
CA ASP A 102 -2.90 3.74 16.69
C ASP A 102 -3.54 4.43 17.89
N VAL A 103 -4.64 5.13 17.64
CA VAL A 103 -5.41 5.73 18.73
C VAL A 103 -6.73 4.99 18.58
N GLY A 104 -7.38 4.70 19.70
CA GLY A 104 -8.64 3.99 19.64
C GLY A 104 -9.80 4.94 19.39
N SER A 105 -11.01 4.40 19.41
CA SER A 105 -12.21 5.19 19.20
C SER A 105 -12.32 6.29 20.25
N ASP A 106 -11.66 6.08 21.40
CA ASP A 106 -11.67 7.07 22.48
C ASP A 106 -10.61 8.11 22.24
N TRP A 107 -9.85 7.94 21.15
CA TRP A 107 -8.77 8.84 20.78
C TRP A 107 -7.58 8.81 21.76
N ARG A 108 -7.48 7.75 22.53
CA ARG A 108 -6.36 7.59 23.46
C ARG A 108 -5.46 6.54 22.83
N PHE A 109 -4.18 6.59 23.16
CA PHE A 109 -3.20 5.63 22.67
C PHE A 109 -3.79 4.23 22.73
N LEU A 110 -3.72 3.50 21.63
CA LEU A 110 -4.25 2.13 21.57
C LEU A 110 -3.07 1.16 21.52
N ARG A 111 -2.15 1.39 20.59
CA ARG A 111 -0.97 0.52 20.50
C ARG A 111 0.07 1.09 19.55
N GLY A 112 1.30 0.59 19.69
CA GLY A 112 2.39 1.06 18.87
C GLY A 112 3.12 -0.08 18.20
N TYR A 113 3.86 0.25 17.15
CA TYR A 113 4.61 -0.72 16.38
C TYR A 113 6.00 -0.24 15.98
N HIS A 114 6.89 -1.20 15.76
CA HIS A 114 8.24 -0.97 15.29
C HIS A 114 8.85 -2.30 14.87
N GLN A 115 8.81 -2.56 13.56
CA GLN A 115 9.34 -3.80 12.99
C GLN A 115 10.37 -3.56 11.89
N TYR A 116 11.23 -4.54 11.67
CA TYR A 116 12.32 -4.47 10.70
C TYR A 116 12.44 -5.76 9.89
N ALA A 117 12.75 -5.63 8.60
CA ALA A 117 12.90 -6.79 7.71
C ALA A 117 14.16 -6.70 6.87
N TYR A 118 14.75 -7.87 6.55
CA TYR A 118 15.95 -7.93 5.71
C TYR A 118 15.59 -8.88 4.57
N ASP A 119 15.83 -8.43 3.35
CA ASP A 119 15.47 -9.16 2.14
C ASP A 119 14.05 -9.73 2.15
N GLY A 120 13.11 -8.89 2.60
CA GLY A 120 11.71 -9.27 2.61
C GLY A 120 11.20 -10.23 3.67
N LYS A 121 12.00 -10.51 4.70
CA LYS A 121 11.54 -11.40 5.76
C LYS A 121 11.74 -10.76 7.15
N ASP A 122 10.86 -11.08 8.09
CA ASP A 122 11.00 -10.53 9.44
C ASP A 122 12.42 -10.68 9.90
N TYR A 123 12.91 -9.66 10.60
CA TYR A 123 14.26 -9.65 11.13
C TYR A 123 14.11 -9.46 12.62
N ILE A 124 13.60 -8.30 13.02
CA ILE A 124 13.40 -8.01 14.43
C ILE A 124 12.18 -7.09 14.55
N ALA A 125 11.37 -7.28 15.60
CA ALA A 125 10.18 -6.47 15.83
C ALA A 125 9.92 -6.23 17.30
N LEU A 126 9.43 -5.05 17.63
CA LEU A 126 9.10 -4.72 19.01
C LEU A 126 7.76 -5.40 19.30
N LYS A 127 7.62 -6.03 20.47
CA LYS A 127 6.36 -6.69 20.83
C LYS A 127 5.32 -5.66 21.25
N GLU A 128 4.06 -6.09 21.33
CA GLU A 128 2.96 -5.20 21.71
C GLU A 128 3.14 -4.51 23.05
N ASP A 129 3.78 -5.18 24.00
CA ASP A 129 4.00 -4.58 25.33
C ASP A 129 5.06 -3.49 25.26
N LEU A 130 5.60 -3.27 24.07
CA LEU A 130 6.64 -2.25 23.82
C LEU A 130 7.81 -2.35 24.78
N ARG A 131 8.09 -3.55 25.30
CA ARG A 131 9.20 -3.72 26.22
C ARG A 131 10.13 -4.85 25.79
N SER A 132 9.66 -5.73 24.92
CA SER A 132 10.45 -6.87 24.49
C SER A 132 10.56 -6.98 22.99
N TRP A 133 11.57 -7.72 22.54
CA TRP A 133 11.83 -7.89 21.13
C TRP A 133 11.64 -9.31 20.64
N THR A 134 11.21 -9.42 19.38
CA THR A 134 11.02 -10.70 18.70
C THR A 134 12.11 -10.75 17.62
N ALA A 135 13.04 -11.69 17.75
CA ALA A 135 14.13 -11.86 16.79
C ALA A 135 13.88 -13.15 16.01
N ALA A 136 13.94 -13.08 14.69
CA ALA A 136 13.66 -14.24 13.84
C ALA A 136 14.78 -15.29 13.69
N ASP A 137 16.03 -14.86 13.85
CA ASP A 137 17.17 -15.76 13.72
C ASP A 137 18.34 -15.22 14.55
N MET A 138 19.48 -15.91 14.48
CA MET A 138 20.67 -15.55 15.27
C MET A 138 21.33 -14.24 14.86
N ALA A 139 21.07 -13.80 13.64
CA ALA A 139 21.60 -12.52 13.20
C ALA A 139 20.76 -11.51 13.99
N ALA A 140 19.43 -11.68 13.96
CA ALA A 140 18.53 -10.77 14.69
C ALA A 140 18.72 -10.81 16.20
N GLN A 141 19.10 -11.98 16.71
CA GLN A 141 19.34 -12.18 18.13
C GLN A 141 20.51 -11.27 18.61
N THR A 142 21.53 -11.16 17.77
CA THR A 142 22.69 -10.31 18.06
C THR A 142 22.19 -8.86 18.19
N THR A 143 21.38 -8.42 17.24
CA THR A 143 20.83 -7.08 17.28
C THR A 143 20.00 -6.89 18.56
N LYS A 144 19.15 -7.87 18.87
CA LYS A 144 18.31 -7.82 20.06
C LYS A 144 19.10 -7.57 21.36
N HIS A 145 20.20 -8.29 21.52
CA HIS A 145 21.01 -8.16 22.72
C HIS A 145 21.59 -6.75 22.83
N LYS A 146 22.01 -6.20 21.71
CA LYS A 146 22.59 -4.88 21.66
C LYS A 146 21.54 -3.81 21.98
N TRP A 147 20.35 -3.99 21.42
CA TRP A 147 19.27 -3.03 21.64
C TRP A 147 18.77 -3.11 23.08
N GLU A 148 18.81 -4.28 23.69
CA GLU A 148 18.39 -4.40 25.09
C GLU A 148 19.36 -3.59 25.98
N ALA A 149 20.66 -3.78 25.76
CA ALA A 149 21.69 -3.07 26.53
C ALA A 149 21.63 -1.56 26.30
N ALA A 150 21.20 -1.14 25.12
CA ALA A 150 21.12 0.29 24.87
C ALA A 150 19.73 0.83 25.23
N HIS A 151 18.86 -0.05 25.72
CA HIS A 151 17.50 0.36 26.13
C HIS A 151 16.74 1.05 25.00
N VAL A 152 16.84 0.54 23.78
CA VAL A 152 16.14 1.15 22.65
C VAL A 152 14.62 1.06 22.79
N ALA A 153 14.15 0.00 23.44
CA ALA A 153 12.72 -0.18 23.65
C ALA A 153 12.12 0.98 24.45
N GLU A 154 12.76 1.34 25.56
CA GLU A 154 12.27 2.44 26.39
C GLU A 154 12.13 3.71 25.59
N GLN A 155 13.13 4.01 24.77
CA GLN A 155 13.10 5.22 23.96
C GLN A 155 11.98 5.19 22.94
N LEU A 156 11.78 4.06 22.28
CA LEU A 156 10.71 3.94 21.29
C LEU A 156 9.36 4.05 21.96
N ARG A 157 9.26 3.51 23.18
CA ARG A 157 8.00 3.52 23.92
C ARG A 157 7.58 4.97 24.20
N ALA A 158 8.54 5.80 24.59
CA ALA A 158 8.26 7.19 24.89
C ALA A 158 7.73 7.90 23.64
N TYR A 159 8.27 7.55 22.48
CA TYR A 159 7.83 8.16 21.22
C TYR A 159 6.42 7.69 20.85
N LEU A 160 6.26 6.38 20.73
CA LEU A 160 4.97 5.78 20.34
C LEU A 160 3.80 6.20 21.22
N GLU A 161 3.99 6.28 22.53
CA GLU A 161 2.92 6.66 23.44
C GLU A 161 2.75 8.17 23.54
N GLY A 162 3.78 8.93 23.21
CA GLY A 162 3.67 10.37 23.34
C GLY A 162 3.64 11.13 22.03
N THR A 163 4.82 11.51 21.58
CA THR A 163 4.98 12.26 20.36
C THR A 163 4.12 11.74 19.21
N CYS A 164 4.20 10.44 18.96
CA CYS A 164 3.45 9.83 17.88
C CYS A 164 1.95 10.08 17.98
N VAL A 165 1.38 9.82 19.15
CA VAL A 165 -0.05 10.02 19.36
C VAL A 165 -0.45 11.47 19.25
N GLU A 166 0.37 12.34 19.85
CA GLU A 166 0.09 13.76 19.84
C GLU A 166 0.03 14.31 18.43
N TRP A 167 0.98 13.90 17.60
CA TRP A 167 0.99 14.39 16.23
C TRP A 167 -0.13 13.77 15.42
N LEU A 168 -0.43 12.50 15.66
CA LEU A 168 -1.52 11.88 14.91
C LEU A 168 -2.80 12.71 15.18
N ARG A 169 -3.04 13.07 16.43
CA ARG A 169 -4.21 13.87 16.80
C ARG A 169 -4.23 15.23 16.11
N ARG A 170 -3.05 15.84 15.99
CA ARG A 170 -2.92 17.14 15.34
C ARG A 170 -3.27 17.02 13.86
N TYR A 171 -2.71 16.02 13.20
CA TYR A 171 -2.98 15.84 11.77
C TYR A 171 -4.46 15.55 11.56
N LEU A 172 -5.06 14.73 12.43
CA LEU A 172 -6.47 14.42 12.28
C LEU A 172 -7.31 15.69 12.30
N GLU A 173 -7.03 16.59 13.22
CA GLU A 173 -7.79 17.83 13.30
C GLU A 173 -7.54 18.72 12.09
N ASN A 174 -6.28 18.91 11.71
CA ASN A 174 -5.99 19.77 10.58
C ASN A 174 -6.55 19.30 9.24
N GLY A 175 -6.60 17.99 9.04
CA GLY A 175 -7.14 17.46 7.80
C GLY A 175 -8.50 16.80 8.01
N LYS A 176 -9.21 17.24 9.04
CA LYS A 176 -10.51 16.68 9.39
C LYS A 176 -11.52 16.59 8.25
N GLU A 177 -11.51 17.55 7.33
CA GLU A 177 -12.45 17.50 6.22
C GLU A 177 -12.38 16.18 5.44
N THR A 178 -11.19 15.58 5.36
CA THR A 178 -11.04 14.32 4.64
C THR A 178 -10.73 13.13 5.56
N LEU A 179 -9.76 13.30 6.45
CA LEU A 179 -9.36 12.23 7.35
C LEU A 179 -10.46 11.75 8.29
N GLN A 180 -11.38 12.63 8.68
CA GLN A 180 -12.45 12.20 9.60
C GLN A 180 -13.80 12.01 8.88
N ARG A 181 -13.73 11.87 7.56
CA ARG A 181 -14.92 11.67 6.72
C ARG A 181 -14.78 10.30 6.08
N THR A 182 -15.87 9.52 6.10
CA THR A 182 -15.86 8.21 5.47
C THR A 182 -16.62 8.32 4.15
N ASP A 183 -16.08 7.69 3.10
CA ASP A 183 -16.77 7.73 1.82
C ASP A 183 -17.40 6.36 1.62
N ALA A 184 -18.72 6.32 1.68
CA ALA A 184 -19.45 5.07 1.51
C ALA A 184 -19.26 4.61 0.07
N PRO A 185 -19.07 3.30 -0.14
CA PRO A 185 -18.88 2.80 -1.50
C PRO A 185 -20.09 3.06 -2.39
N LYS A 186 -19.83 3.41 -3.64
CA LYS A 186 -20.91 3.63 -4.59
C LYS A 186 -21.01 2.29 -5.30
N THR A 187 -22.12 1.62 -5.12
CA THR A 187 -22.29 0.29 -5.67
C THR A 187 -23.32 0.13 -6.78
N HIS A 188 -23.09 -0.89 -7.61
CA HIS A 188 -23.95 -1.25 -8.70
C HIS A 188 -23.52 -2.66 -9.14
N MET A 189 -24.32 -3.29 -10.00
CA MET A 189 -24.05 -4.64 -10.49
C MET A 189 -24.07 -4.67 -12.02
N THR A 190 -23.24 -5.53 -12.61
CA THR A 190 -23.21 -5.69 -14.07
C THR A 190 -23.53 -7.16 -14.40
N HIS A 191 -24.10 -7.37 -15.57
CA HIS A 191 -24.50 -8.70 -16.03
C HIS A 191 -23.76 -9.03 -17.33
N HIS A 192 -23.12 -10.19 -17.39
CA HIS A 192 -22.37 -10.59 -18.58
C HIS A 192 -22.67 -12.05 -18.98
N ALA A 193 -23.31 -12.25 -20.12
CA ALA A 193 -23.62 -13.60 -20.58
C ALA A 193 -22.38 -14.32 -21.11
N VAL A 194 -21.86 -15.29 -20.36
CA VAL A 194 -20.67 -16.02 -20.77
C VAL A 194 -21.01 -17.19 -21.71
N SER A 195 -22.29 -17.48 -21.86
CA SER A 195 -22.77 -18.55 -22.73
C SER A 195 -24.28 -18.49 -22.81
N ASP A 196 -24.87 -19.39 -23.58
CA ASP A 196 -26.30 -19.42 -23.74
C ASP A 196 -27.04 -19.82 -22.47
N HIS A 197 -26.35 -20.48 -21.54
CA HIS A 197 -26.98 -20.95 -20.32
C HIS A 197 -26.43 -20.39 -19.00
N GLU A 198 -25.32 -19.67 -19.07
CA GLU A 198 -24.69 -19.10 -17.88
C GLU A 198 -24.41 -17.62 -18.07
N ALA A 199 -24.38 -16.90 -16.95
CA ALA A 199 -24.10 -15.49 -16.94
C ALA A 199 -23.28 -15.13 -15.71
N THR A 200 -22.51 -14.05 -15.83
CA THR A 200 -21.69 -13.60 -14.73
C THR A 200 -22.27 -12.30 -14.18
N LEU A 201 -22.41 -12.24 -12.87
CA LEU A 201 -22.92 -11.05 -12.17
C LEU A 201 -21.71 -10.50 -11.43
N ARG A 202 -21.38 -9.24 -11.66
CA ARG A 202 -20.25 -8.62 -10.98
C ARG A 202 -20.76 -7.50 -10.08
N CYS A 203 -20.40 -7.56 -8.81
CA CYS A 203 -20.83 -6.56 -7.85
C CYS A 203 -19.69 -5.56 -7.63
N TRP A 204 -19.95 -4.30 -7.96
CA TRP A 204 -18.96 -3.24 -7.84
C TRP A 204 -19.10 -2.35 -6.61
N ALA A 205 -17.95 -1.96 -6.04
CA ALA A 205 -17.90 -1.04 -4.91
C ALA A 205 -16.86 0.00 -5.34
N LEU A 206 -17.28 1.23 -5.58
CA LEU A 206 -16.36 2.26 -6.06
C LEU A 206 -16.26 3.52 -5.21
N SER A 207 -15.11 4.21 -5.33
CA SER A 207 -14.88 5.48 -4.64
C SER A 207 -15.06 5.46 -3.13
N PHE A 208 -14.62 4.41 -2.46
CA PHE A 208 -14.80 4.36 -1.02
C PHE A 208 -13.52 4.61 -0.20
N TYR A 209 -13.72 5.02 1.06
CA TYR A 209 -12.63 5.31 1.97
C TYR A 209 -13.15 5.18 3.39
N PRO A 210 -12.39 4.51 4.27
CA PRO A 210 -11.08 3.87 4.04
C PRO A 210 -11.13 2.63 3.16
N ALA A 211 -9.97 1.99 2.97
CA ALA A 211 -9.87 0.80 2.13
C ALA A 211 -10.59 -0.44 2.66
N GLU A 212 -10.62 -0.59 3.98
CA GLU A 212 -11.29 -1.76 4.61
C GLU A 212 -12.72 -1.94 4.09
N ILE A 213 -13.07 -3.15 3.67
CA ILE A 213 -14.41 -3.44 3.14
C ILE A 213 -14.60 -4.95 2.99
N THR A 214 -15.86 -5.39 2.95
CA THR A 214 -16.15 -6.80 2.75
C THR A 214 -17.28 -6.96 1.74
N LEU A 215 -17.07 -7.81 0.75
CA LEU A 215 -18.09 -8.08 -0.25
C LEU A 215 -18.37 -9.56 -0.16
N THR A 216 -19.65 -9.92 -0.08
CA THR A 216 -20.05 -11.31 0.02
C THR A 216 -21.25 -11.63 -0.89
N TRP A 217 -21.25 -12.84 -1.45
CA TRP A 217 -22.34 -13.29 -2.28
C TRP A 217 -23.18 -14.34 -1.53
N GLN A 218 -24.50 -14.24 -1.67
CA GLN A 218 -25.43 -15.20 -1.06
C GLN A 218 -26.37 -15.72 -2.15
N ARG A 219 -26.81 -16.96 -1.99
CA ARG A 219 -27.74 -17.59 -2.93
C ARG A 219 -28.92 -18.07 -2.08
N ASP A 220 -30.11 -17.57 -2.39
CA ASP A 220 -31.30 -17.91 -1.62
C ASP A 220 -31.01 -17.71 -0.14
N GLY A 221 -30.51 -16.52 0.20
CA GLY A 221 -30.21 -16.17 1.57
C GLY A 221 -29.12 -16.95 2.28
N GLU A 222 -28.17 -17.47 1.51
CA GLU A 222 -27.09 -18.23 2.13
C GLU A 222 -25.75 -18.03 1.41
N ASP A 223 -24.71 -17.69 2.17
CA ASP A 223 -23.38 -17.43 1.62
C ASP A 223 -22.88 -18.45 0.61
N GLN A 224 -22.31 -17.94 -0.47
CA GLN A 224 -21.77 -18.78 -1.52
C GLN A 224 -20.36 -18.34 -1.87
N THR A 225 -19.44 -19.30 -1.82
CA THR A 225 -18.04 -19.08 -2.13
C THR A 225 -17.64 -19.77 -3.45
N GLN A 226 -18.30 -20.87 -3.80
CA GLN A 226 -17.95 -21.53 -5.05
C GLN A 226 -18.40 -20.72 -6.26
N ASP A 227 -17.70 -20.91 -7.38
CA ASP A 227 -18.00 -20.19 -8.60
C ASP A 227 -18.01 -18.67 -8.44
N THR A 228 -17.27 -18.17 -7.45
CA THR A 228 -17.16 -16.74 -7.23
C THR A 228 -15.71 -16.33 -7.44
N GLU A 229 -15.48 -15.03 -7.53
CA GLU A 229 -14.14 -14.49 -7.69
C GLU A 229 -14.14 -13.13 -7.05
N LEU A 230 -13.12 -12.86 -6.24
CA LEU A 230 -12.98 -11.60 -5.53
C LEU A 230 -11.61 -11.00 -5.84
N VAL A 231 -11.54 -9.75 -6.34
CA VAL A 231 -10.22 -9.17 -6.61
C VAL A 231 -9.73 -8.39 -5.41
N GLU A 232 -8.42 -8.19 -5.36
CA GLU A 232 -7.85 -7.45 -4.26
C GLU A 232 -8.27 -5.97 -4.33
N THR A 233 -8.49 -5.37 -3.18
CA THR A 233 -8.87 -3.96 -3.11
C THR A 233 -7.74 -3.16 -3.77
N ARG A 234 -8.11 -2.20 -4.60
CA ARG A 234 -7.14 -1.44 -5.35
C ARG A 234 -7.39 0.05 -5.27
N PRO A 235 -6.33 0.86 -5.36
CA PRO A 235 -6.43 2.32 -5.30
C PRO A 235 -6.96 2.91 -6.61
N ALA A 236 -7.88 3.86 -6.48
CA ALA A 236 -8.46 4.52 -7.65
C ALA A 236 -7.47 5.54 -8.21
N GLY A 237 -6.63 6.09 -7.35
CA GLY A 237 -5.66 7.08 -7.82
C GLY A 237 -5.98 8.47 -7.32
N ASP A 238 -7.21 8.64 -6.84
CA ASP A 238 -7.69 9.92 -6.33
C ASP A 238 -7.89 9.87 -4.82
N GLY A 239 -7.28 8.89 -4.17
CA GLY A 239 -7.41 8.75 -2.72
C GLY A 239 -8.44 7.73 -2.25
N THR A 240 -9.36 7.34 -3.13
CA THR A 240 -10.37 6.34 -2.75
C THR A 240 -9.95 4.97 -3.28
N PHE A 241 -10.76 3.97 -2.98
CA PHE A 241 -10.47 2.60 -3.39
C PHE A 241 -11.61 1.94 -4.15
N GLN A 242 -11.30 0.78 -4.75
CA GLN A 242 -12.27 0.03 -5.54
C GLN A 242 -12.13 -1.47 -5.26
N LYS A 243 -13.21 -2.21 -5.52
CA LYS A 243 -13.22 -3.66 -5.35
C LYS A 243 -14.48 -4.21 -6.03
N TRP A 244 -14.42 -5.48 -6.42
CA TRP A 244 -15.58 -6.15 -6.99
C TRP A 244 -15.53 -7.63 -6.72
N ALA A 245 -16.71 -8.26 -6.78
CA ALA A 245 -16.85 -9.69 -6.56
C ALA A 245 -17.80 -10.20 -7.64
N ALA A 246 -17.46 -11.32 -8.25
CA ALA A 246 -18.29 -11.87 -9.31
C ALA A 246 -18.73 -13.30 -9.03
N VAL A 247 -19.82 -13.72 -9.68
CA VAL A 247 -20.33 -15.07 -9.53
C VAL A 247 -20.92 -15.53 -10.84
N VAL A 248 -20.75 -16.82 -11.15
CA VAL A 248 -21.32 -17.39 -12.36
C VAL A 248 -22.61 -18.05 -11.90
N VAL A 249 -23.70 -17.80 -12.63
CA VAL A 249 -25.00 -18.36 -12.27
C VAL A 249 -25.76 -18.81 -13.51
N PRO A 250 -26.76 -19.69 -13.34
CA PRO A 250 -27.56 -20.18 -14.46
C PRO A 250 -28.43 -19.04 -15.00
N SER A 251 -28.38 -18.82 -16.31
CA SER A 251 -29.18 -17.73 -16.88
C SER A 251 -30.64 -17.90 -16.50
N GLY A 252 -31.27 -16.82 -16.06
CA GLY A 252 -32.66 -16.87 -15.66
C GLY A 252 -32.86 -16.99 -14.15
N GLN A 253 -31.80 -17.33 -13.44
CA GLN A 253 -31.86 -17.48 -11.99
C GLN A 253 -31.12 -16.37 -11.24
N GLU A 254 -30.78 -15.28 -11.94
CA GLU A 254 -30.05 -14.18 -11.31
C GLU A 254 -30.75 -13.64 -10.05
N GLN A 255 -32.07 -13.73 -10.00
CA GLN A 255 -32.83 -13.21 -8.87
C GLN A 255 -32.55 -13.86 -7.51
N ARG A 256 -31.98 -15.06 -7.53
CA ARG A 256 -31.66 -15.80 -6.30
C ARG A 256 -30.43 -15.27 -5.59
N TYR A 257 -29.60 -14.56 -6.33
CA TYR A 257 -28.34 -14.04 -5.80
C TYR A 257 -28.33 -12.61 -5.32
N THR A 258 -27.71 -12.39 -4.17
CA THR A 258 -27.59 -11.06 -3.58
C THR A 258 -26.14 -10.78 -3.18
N CYS A 259 -25.71 -9.53 -3.41
CA CYS A 259 -24.37 -9.11 -3.04
C CYS A 259 -24.46 -8.26 -1.79
N HIS A 260 -23.69 -8.62 -0.78
CA HIS A 260 -23.71 -7.92 0.48
C HIS A 260 -22.44 -7.09 0.67
N VAL A 261 -22.64 -5.81 0.96
CA VAL A 261 -21.54 -4.87 1.13
C VAL A 261 -21.48 -4.28 2.51
N GLN A 262 -20.37 -4.51 3.19
CA GLN A 262 -20.14 -3.99 4.55
C GLN A 262 -18.99 -2.99 4.47
N HIS A 263 -19.19 -1.81 5.07
CA HIS A 263 -18.18 -0.77 5.10
C HIS A 263 -18.54 0.21 6.23
N GLU A 264 -17.52 0.77 6.87
CA GLU A 264 -17.69 1.70 7.97
C GLU A 264 -18.52 2.93 7.62
N GLY A 265 -18.58 3.26 6.34
CA GLY A 265 -19.34 4.42 5.92
C GLY A 265 -20.82 4.16 5.71
N LEU A 266 -21.26 2.94 5.98
CA LEU A 266 -22.67 2.56 5.80
C LEU A 266 -23.34 2.27 7.15
N PRO A 267 -24.43 2.98 7.47
CA PRO A 267 -25.14 2.75 8.74
C PRO A 267 -25.45 1.27 8.86
N LYS A 268 -25.91 0.68 7.77
CA LYS A 268 -26.21 -0.74 7.75
C LYS A 268 -25.71 -1.31 6.42
N PRO A 269 -25.36 -2.60 6.41
CA PRO A 269 -24.87 -3.22 5.17
C PRO A 269 -25.87 -3.11 4.04
N LEU A 270 -25.36 -2.90 2.83
CA LEU A 270 -26.18 -2.80 1.63
C LEU A 270 -26.37 -4.18 1.01
N THR A 271 -27.49 -4.36 0.33
CA THR A 271 -27.78 -5.62 -0.34
C THR A 271 -28.18 -5.31 -1.78
N LEU A 272 -27.48 -5.88 -2.74
CA LEU A 272 -27.83 -5.66 -4.15
C LEU A 272 -28.33 -6.95 -4.76
N ARG A 273 -29.26 -6.81 -5.71
CA ARG A 273 -29.88 -7.93 -6.41
C ARG A 273 -30.13 -7.47 -7.84
N TRP A 274 -30.03 -8.40 -8.79
CA TRP A 274 -30.24 -8.08 -10.18
C TRP A 274 -31.71 -8.15 -10.57
N GLU A 275 -32.08 -7.37 -11.58
CA GLU A 275 -33.46 -7.28 -12.10
C GLU A 275 -34.30 -8.52 -11.81
N ILE B 1 14.36 -13.23 0.20
CA ILE B 1 13.33 -14.05 -0.53
C ILE B 1 12.77 -13.25 -1.70
N GLN B 2 12.21 -13.94 -2.69
CA GLN B 2 11.64 -13.29 -3.86
C GLN B 2 10.17 -13.64 -3.95
N ARG B 3 9.37 -12.71 -4.50
CA ARG B 3 7.92 -12.91 -4.64
C ARG B 3 7.48 -12.28 -5.96
N THR B 4 6.65 -12.98 -6.70
CA THR B 4 6.17 -12.52 -7.99
C THR B 4 5.04 -11.48 -7.87
N PRO B 5 5.00 -10.50 -8.79
CA PRO B 5 3.95 -9.48 -8.74
C PRO B 5 2.54 -9.86 -9.21
N LYS B 6 1.55 -9.39 -8.46
CA LYS B 6 0.16 -9.57 -8.86
C LYS B 6 -0.05 -8.32 -9.71
N ILE B 7 -0.92 -8.39 -10.72
CA ILE B 7 -1.18 -7.27 -11.62
C ILE B 7 -2.68 -7.01 -11.89
N GLN B 8 -3.11 -5.75 -11.80
CA GLN B 8 -4.49 -5.37 -12.13
C GLN B 8 -4.41 -4.13 -13.03
N VAL B 9 -5.15 -4.14 -14.14
CA VAL B 9 -5.16 -3.03 -15.08
C VAL B 9 -6.61 -2.58 -15.11
N TYR B 10 -6.86 -1.29 -14.90
CA TYR B 10 -8.23 -0.77 -14.85
C TYR B 10 -8.24 0.74 -14.95
N SER B 11 -9.42 1.31 -15.18
CA SER B 11 -9.59 2.75 -15.28
C SER B 11 -10.16 3.32 -13.99
N ARG B 12 -9.67 4.48 -13.60
CA ARG B 12 -10.17 5.10 -12.39
C ARG B 12 -11.70 5.24 -12.44
N HIS B 13 -12.24 5.73 -13.55
CA HIS B 13 -13.70 5.90 -13.67
C HIS B 13 -14.30 4.98 -14.74
N PRO B 14 -15.60 4.64 -14.59
CA PRO B 14 -16.26 3.77 -15.56
C PRO B 14 -15.93 4.23 -16.98
N ALA B 15 -15.49 3.29 -17.81
CA ALA B 15 -15.10 3.62 -19.17
C ALA B 15 -16.24 4.17 -20.01
N GLU B 16 -15.96 5.24 -20.74
CA GLU B 16 -16.94 5.87 -21.61
C GLU B 16 -16.19 6.49 -22.79
N ASN B 17 -16.46 5.98 -23.99
CA ASN B 17 -15.79 6.48 -25.19
C ASN B 17 -15.86 7.98 -25.34
N GLY B 18 -14.72 8.57 -25.69
CA GLY B 18 -14.64 10.01 -25.87
C GLY B 18 -14.46 10.86 -24.62
N LYS B 19 -14.62 10.27 -23.43
CA LYS B 19 -14.49 11.03 -22.17
C LYS B 19 -13.21 10.74 -21.40
N SER B 20 -12.46 11.81 -21.12
CA SER B 20 -11.19 11.72 -20.39
C SER B 20 -11.29 10.79 -19.17
N ASN B 21 -10.20 10.12 -18.83
CA ASN B 21 -10.18 9.16 -17.73
C ASN B 21 -8.73 8.91 -17.31
N PHE B 22 -8.50 7.92 -16.46
CA PHE B 22 -7.14 7.58 -16.04
C PHE B 22 -6.98 6.07 -16.16
N LEU B 23 -5.87 5.66 -16.78
CA LEU B 23 -5.56 4.24 -16.94
C LEU B 23 -4.57 3.84 -15.85
N ASN B 24 -4.95 2.86 -15.03
CA ASN B 24 -4.12 2.39 -13.92
C ASN B 24 -3.57 0.96 -14.10
N CYS B 25 -2.36 0.73 -13.57
CA CYS B 25 -1.74 -0.58 -13.53
C CYS B 25 -1.24 -0.71 -12.08
N TYR B 26 -1.91 -1.53 -11.29
CA TYR B 26 -1.53 -1.70 -9.89
C TYR B 26 -0.72 -2.99 -9.75
N VAL B 27 0.51 -2.86 -9.28
CA VAL B 27 1.40 -4.00 -9.07
C VAL B 27 1.62 -4.15 -7.57
N SER B 28 1.42 -5.36 -7.07
CA SER B 28 1.57 -5.60 -5.64
C SER B 28 2.10 -6.98 -5.30
N GLY B 29 2.34 -7.20 -4.00
CA GLY B 29 2.84 -8.47 -3.54
C GLY B 29 4.19 -8.89 -4.08
N PHE B 30 5.04 -7.94 -4.51
CA PHE B 30 6.35 -8.33 -5.04
C PHE B 30 7.57 -8.00 -4.16
N HIS B 31 8.67 -8.70 -4.46
CA HIS B 31 9.94 -8.53 -3.75
C HIS B 31 11.01 -9.21 -4.61
N PRO B 32 12.17 -8.55 -4.83
CA PRO B 32 12.59 -7.22 -4.36
C PRO B 32 11.76 -6.10 -5.00
N SER B 33 12.08 -4.85 -4.68
CA SER B 33 11.31 -3.69 -5.20
C SER B 33 11.63 -3.21 -6.62
N ASP B 34 12.79 -3.59 -7.15
CA ASP B 34 13.14 -3.15 -8.50
C ASP B 34 12.17 -3.86 -9.44
N ILE B 35 11.52 -3.07 -10.29
CA ILE B 35 10.53 -3.61 -11.21
C ILE B 35 10.40 -2.63 -12.38
N GLU B 36 9.92 -3.15 -13.52
CA GLU B 36 9.73 -2.34 -14.71
C GLU B 36 8.26 -2.46 -15.10
N VAL B 37 7.57 -1.32 -15.12
CA VAL B 37 6.15 -1.28 -15.45
C VAL B 37 5.88 -0.28 -16.56
N ASP B 38 5.25 -0.72 -17.64
CA ASP B 38 4.93 0.16 -18.74
C ASP B 38 3.48 0.03 -19.14
N LEU B 39 2.83 1.15 -19.45
CA LEU B 39 1.47 1.12 -19.92
C LEU B 39 1.60 1.18 -21.44
N LEU B 40 0.81 0.39 -22.14
CA LEU B 40 0.89 0.36 -23.59
C LEU B 40 -0.40 0.79 -24.30
N LYS B 41 -0.24 1.46 -25.43
CA LYS B 41 -1.36 1.87 -26.26
C LYS B 41 -1.11 1.24 -27.61
N ASN B 42 -1.94 0.27 -27.98
CA ASN B 42 -1.78 -0.41 -29.26
C ASN B 42 -0.37 -0.96 -29.41
N GLY B 43 0.15 -1.56 -28.35
CA GLY B 43 1.48 -2.13 -28.39
C GLY B 43 2.65 -1.20 -28.09
N GLU B 44 2.44 0.11 -28.19
CA GLU B 44 3.51 1.07 -27.94
C GLU B 44 3.47 1.72 -26.55
N ARG B 45 4.64 1.82 -25.94
CA ARG B 45 4.79 2.38 -24.62
C ARG B 45 4.35 3.85 -24.54
N ILE B 46 3.61 4.18 -23.48
CA ILE B 46 3.16 5.54 -23.27
C ILE B 46 4.24 6.21 -22.43
N GLU B 47 4.73 7.35 -22.91
CA GLU B 47 5.80 8.07 -22.24
C GLU B 47 5.36 8.86 -21.01
N LYS B 48 4.18 9.45 -21.08
CA LYS B 48 3.69 10.24 -19.95
C LYS B 48 3.02 9.37 -18.87
N VAL B 49 3.84 8.62 -18.13
CA VAL B 49 3.34 7.74 -17.06
C VAL B 49 3.99 8.06 -15.74
N GLU B 50 3.22 8.13 -14.67
CA GLU B 50 3.80 8.41 -13.37
C GLU B 50 3.46 7.27 -12.43
N HIS B 51 4.10 7.23 -11.26
CA HIS B 51 3.82 6.20 -10.29
C HIS B 51 3.88 6.75 -8.88
N SER B 52 3.17 6.06 -8.00
CA SER B 52 3.10 6.39 -6.58
C SER B 52 4.45 6.09 -5.92
N ASP B 53 4.59 6.57 -4.69
CA ASP B 53 5.82 6.35 -3.93
C ASP B 53 5.81 4.93 -3.34
N LEU B 54 6.90 4.24 -3.55
CA LEU B 54 7.05 2.86 -3.07
C LEU B 54 6.65 2.67 -1.62
N SER B 55 5.73 1.74 -1.39
CA SER B 55 5.33 1.43 -0.05
C SER B 55 5.15 -0.08 0.01
N PHE B 56 4.78 -0.62 1.17
CA PHE B 56 4.64 -2.07 1.27
C PHE B 56 3.58 -2.51 2.28
N SER B 57 3.13 -3.75 2.15
CA SER B 57 2.11 -4.33 3.03
C SER B 57 2.71 -4.95 4.29
N LYS B 58 1.83 -5.49 5.13
CA LYS B 58 2.26 -6.12 6.38
C LYS B 58 3.28 -7.24 6.20
N ASP B 59 3.15 -8.03 5.14
CA ASP B 59 4.08 -9.13 4.87
C ASP B 59 5.38 -8.64 4.21
N TRP B 60 5.54 -7.31 4.12
CA TRP B 60 6.72 -6.69 3.52
C TRP B 60 6.75 -6.65 2.00
N SER B 61 5.80 -7.30 1.32
CA SER B 61 5.79 -7.26 -0.14
C SER B 61 5.39 -5.84 -0.57
N PHE B 62 5.98 -5.37 -1.67
CA PHE B 62 5.75 -4.02 -2.18
C PHE B 62 4.54 -3.83 -3.08
N TYR B 63 4.09 -2.57 -3.19
CA TYR B 63 3.01 -2.23 -4.10
C TYR B 63 3.24 -0.84 -4.72
N LEU B 64 2.82 -0.70 -5.96
CA LEU B 64 2.94 0.55 -6.72
C LEU B 64 1.81 0.73 -7.72
N LEU B 65 1.36 1.98 -7.87
CA LEU B 65 0.32 2.31 -8.84
C LEU B 65 0.95 3.18 -9.94
N TYR B 66 0.87 2.69 -11.18
CA TYR B 66 1.35 3.42 -12.35
C TYR B 66 0.05 3.90 -13.03
N TYR B 67 0.03 5.16 -13.46
CA TYR B 67 -1.17 5.70 -14.08
C TYR B 67 -0.87 6.74 -15.15
N THR B 68 -1.82 6.90 -16.06
CA THR B 68 -1.70 7.89 -17.11
C THR B 68 -3.11 8.39 -17.48
N GLU B 69 -3.17 9.64 -17.93
CA GLU B 69 -4.43 10.24 -18.32
C GLU B 69 -4.70 9.81 -19.76
N PHE B 70 -5.86 9.21 -20.02
CA PHE B 70 -6.19 8.76 -21.37
C PHE B 70 -7.67 8.91 -21.70
N THR B 71 -8.01 8.79 -22.98
CA THR B 71 -9.39 8.88 -23.44
C THR B 71 -9.69 7.62 -24.24
N PRO B 72 -10.41 6.68 -23.62
CA PRO B 72 -10.75 5.43 -24.31
C PRO B 72 -11.62 5.56 -25.55
N THR B 73 -11.41 4.66 -26.50
CA THR B 73 -12.16 4.62 -27.73
C THR B 73 -12.60 3.18 -27.92
N GLU B 74 -13.32 2.90 -29.00
CA GLU B 74 -13.79 1.55 -29.25
C GLU B 74 -12.70 0.65 -29.83
N LYS B 75 -11.75 1.22 -30.55
CA LYS B 75 -10.71 0.42 -31.18
C LYS B 75 -9.37 0.35 -30.43
N ASP B 76 -8.90 1.48 -29.90
CA ASP B 76 -7.63 1.49 -29.19
C ASP B 76 -7.59 0.45 -28.07
N GLU B 77 -6.48 -0.27 -27.98
CA GLU B 77 -6.27 -1.28 -26.95
C GLU B 77 -5.20 -0.84 -25.96
N TYR B 78 -5.42 -1.15 -24.70
CA TYR B 78 -4.49 -0.77 -23.66
C TYR B 78 -4.05 -1.99 -22.87
N ALA B 79 -2.84 -1.94 -22.34
CA ALA B 79 -2.30 -3.06 -21.57
C ALA B 79 -1.19 -2.59 -20.66
N CYS B 80 -0.77 -3.45 -19.74
CA CYS B 80 0.30 -3.14 -18.82
C CYS B 80 1.37 -4.20 -19.01
N ARG B 81 2.63 -3.78 -19.11
CA ARG B 81 3.77 -4.67 -19.31
C ARG B 81 4.64 -4.61 -18.06
N VAL B 82 4.88 -5.77 -17.46
CA VAL B 82 5.66 -5.82 -16.24
C VAL B 82 6.83 -6.80 -16.32
N ASN B 83 8.01 -6.35 -15.93
CA ASN B 83 9.19 -7.23 -15.92
C ASN B 83 9.78 -7.20 -14.51
N HIS B 84 10.21 -8.36 -14.01
CA HIS B 84 10.74 -8.52 -12.65
C HIS B 84 11.63 -9.77 -12.62
N VAL B 85 12.53 -9.86 -11.64
CA VAL B 85 13.44 -11.01 -11.54
C VAL B 85 12.73 -12.34 -11.52
N THR B 86 11.57 -12.39 -10.88
CA THR B 86 10.80 -13.62 -10.81
C THR B 86 10.14 -14.00 -12.13
N LEU B 87 10.33 -13.16 -13.15
CA LEU B 87 9.72 -13.46 -14.44
C LEU B 87 10.74 -13.81 -15.51
N SER B 88 10.49 -14.92 -16.20
CA SER B 88 11.39 -15.35 -17.27
C SER B 88 11.30 -14.34 -18.41
N GLN B 89 10.09 -13.85 -18.66
CA GLN B 89 9.82 -12.88 -19.71
C GLN B 89 8.78 -11.87 -19.24
N PRO B 90 8.77 -10.67 -19.83
CA PRO B 90 7.81 -9.65 -19.44
C PRO B 90 6.38 -10.17 -19.54
N LYS B 91 5.56 -9.88 -18.52
CA LYS B 91 4.17 -10.30 -18.53
C LYS B 91 3.31 -9.14 -19.05
N ILE B 92 2.25 -9.45 -19.78
CA ILE B 92 1.38 -8.41 -20.32
C ILE B 92 -0.09 -8.67 -20.04
N VAL B 93 -0.71 -7.73 -19.33
CA VAL B 93 -2.12 -7.83 -18.99
C VAL B 93 -2.89 -6.74 -19.74
N LYS B 94 -3.85 -7.17 -20.53
CA LYS B 94 -4.65 -6.25 -21.31
C LYS B 94 -5.77 -5.67 -20.47
N TRP B 95 -6.11 -4.42 -20.76
CA TRP B 95 -7.19 -3.74 -20.05
C TRP B 95 -8.55 -4.21 -20.55
N ASP B 96 -9.43 -4.53 -19.61
CA ASP B 96 -10.81 -4.95 -19.93
C ASP B 96 -11.73 -3.96 -19.20
N ARG B 97 -12.60 -3.29 -19.95
CA ARG B 97 -13.53 -2.31 -19.39
C ARG B 97 -14.44 -2.83 -18.27
N ASP B 98 -14.73 -4.13 -18.29
CA ASP B 98 -15.62 -4.73 -17.30
C ASP B 98 -14.89 -5.30 -16.08
N MET B 99 -13.62 -4.94 -15.89
CA MET B 99 -12.88 -5.48 -14.75
C MET B 99 -11.90 -4.52 -14.07
N SER C 1 4.90 13.13 12.63
CA SER C 1 6.32 13.50 12.91
C SER C 1 7.14 12.25 13.18
N LEU C 2 8.33 12.19 12.57
CA LEU C 2 9.26 11.07 12.69
C LEU C 2 9.96 10.96 14.04
N ALA C 3 10.44 9.76 14.36
CA ALA C 3 11.16 9.55 15.62
C ALA C 3 12.46 10.35 15.51
N ASN C 4 13.02 10.75 16.64
CA ASN C 4 14.24 11.54 16.65
C ASN C 4 15.55 10.75 16.67
N THR C 5 15.48 9.48 17.09
CA THR C 5 16.68 8.64 17.16
C THR C 5 16.47 7.31 16.43
N VAL C 6 17.50 6.84 15.75
CA VAL C 6 17.44 5.60 14.99
C VAL C 6 18.71 4.78 15.24
N ALA C 7 18.64 3.81 16.15
CA ALA C 7 19.78 2.97 16.48
C ALA C 7 20.06 1.94 15.39
N THR C 8 21.34 1.72 15.13
CA THR C 8 21.76 0.76 14.10
C THR C 8 21.57 -0.68 14.55
N LEU C 9 21.42 -1.57 13.58
CA LEU C 9 21.24 -3.00 13.85
C LEU C 9 22.54 -3.62 14.35
#